data_5IXD
#
_entry.id   5IXD
#
_cell.length_a   111.170
_cell.length_b   193.200
_cell.length_c   72.980
_cell.angle_alpha   90.00
_cell.angle_beta   90.00
_cell.angle_gamma   90.00
#
_symmetry.space_group_name_H-M   'C 2 2 21'
#
loop_
_entity.id
_entity.type
_entity.pdbx_description
1 polymer 'Tyrosine-protein kinase JAK1'
2 polymer 'Interferon lambda receptor 1'
3 non-polymer 'CITRIC ACID'
#
loop_
_entity_poly.entity_id
_entity_poly.type
_entity_poly.pdbx_seq_one_letter_code
_entity_poly.pdbx_strand_id
1 'polypeptide(L)'
;MHHHHHHGENLYFQGSGVEVIFYLSDREPLRLGSGEYTAEELCIRAAQACRISPLCHNLFALYDENTKLWYAPNRTITVD
DKMSLRLHYRMRFYFTNWHGTNDNEQSVWRHSPKKQKNGYEKKKIPDATPLLDASSLEYLFAQGQYDLVKCLAPIRDPKT
EQDGHDIENECLGMAVLAISHYAMMKKMQLPELPKDISYKRYIPETLNKSIRQRNLLTRMRINNVFKDFLKEFNNKTICD
SSVSTHDLKVKYLATLETLTKHYGAEIFETSMLLISSENEMNWFHSNDGGNVLYYEVMVTGNLGIQWRHKPNVVSVEKEK
NKLKRKKLENKDKKDEEKNKIREEWNNFSFFPEITHIVIKESVVSINKQDNKKMELKLSSHEEALSFVSLVDGYFRLTAD
AHHYLCTDVAPPLIVHNIQNGCHGPICTEYAINKLRQEGSEEGMYVLRWSCTDFDNILMTVTCFEKSEQVQGAQKQFKNF
QIEVQKGRYSLHGSDRSFPSLGDLMSHLKKQILRTDNISFMLKRCCQPKPREISNLLVATKGNS
;
A
2 'polypeptide(L)' GSKTLMGNPWFQRAKMPRALDFSGHTHPVATFQPSRPESVNDLFLCPQKELTGNS B
#
loop_
_chem_comp.id
_chem_comp.type
_chem_comp.name
_chem_comp.formula
CIT non-polymer 'CITRIC ACID' 'C6 H8 O7'
#
# COMPACT_ATOMS: atom_id res chain seq x y z
N VAL A 18 -16.11 -2.20 15.23
CA VAL A 18 -16.86 -1.02 14.82
C VAL A 18 -15.93 0.19 14.86
N GLU A 19 -14.69 0.00 14.42
CA GLU A 19 -13.69 1.05 14.49
C GLU A 19 -12.61 0.88 13.43
N VAL A 20 -11.93 2.00 13.15
CA VAL A 20 -10.84 2.05 12.19
C VAL A 20 -9.52 2.04 12.95
N ILE A 21 -8.63 1.12 12.60
CA ILE A 21 -7.39 0.91 13.36
C ILE A 21 -6.16 1.41 12.60
N PHE A 22 -5.19 1.88 13.38
CA PHE A 22 -3.93 2.39 12.86
C PHE A 22 -2.75 1.58 13.36
N TYR A 23 -1.81 1.28 12.45
CA TYR A 23 -0.64 0.49 12.81
C TYR A 23 0.38 1.34 13.57
N LEU A 24 0.20 2.66 13.54
CA LEU A 24 1.11 3.55 14.26
C LEU A 24 1.08 3.23 15.76
N SER A 25 2.21 3.43 16.41
CA SER A 25 2.37 3.03 17.81
C SER A 25 1.41 3.78 18.74
N ASP A 26 1.42 5.10 18.64
CA ASP A 26 0.63 5.95 19.54
C ASP A 26 -0.50 6.66 18.80
N ARG A 27 -1.44 5.87 18.27
CA ARG A 27 -2.59 6.41 17.54
C ARG A 27 -3.85 5.64 17.91
N GLU A 28 -4.65 6.21 18.80
CA GLU A 28 -5.89 5.58 19.24
C GLU A 28 -6.87 5.47 18.08
N PRO A 29 -7.58 4.33 17.99
CA PRO A 29 -8.57 4.17 16.91
C PRO A 29 -9.78 5.05 17.11
N LEU A 30 -10.61 5.20 16.08
CA LEU A 30 -11.79 6.01 16.21
C LEU A 30 -13.03 5.13 16.16
N ARG A 31 -13.78 5.14 17.25
CA ARG A 31 -15.03 4.39 17.35
C ARG A 31 -16.11 5.08 16.53
N LEU A 32 -16.98 4.28 15.92
CA LEU A 32 -18.06 4.80 15.08
C LEU A 32 -19.41 4.68 15.75
N GLY A 33 -20.11 5.80 15.85
CA GLY A 33 -21.45 5.82 16.41
C GLY A 33 -22.49 5.44 15.38
N SER A 34 -23.75 5.34 15.82
CA SER A 34 -24.84 4.93 14.93
C SER A 34 -25.09 5.98 13.85
N GLY A 35 -24.93 5.57 12.59
CA GLY A 35 -25.13 6.47 11.46
C GLY A 35 -24.60 5.86 10.18
N GLU A 36 -24.81 6.57 9.07
CA GLU A 36 -24.33 6.10 7.76
C GLU A 36 -22.97 6.73 7.47
N TYR A 37 -22.04 5.91 6.98
CA TYR A 37 -20.69 6.37 6.66
C TYR A 37 -20.28 5.94 5.25
N THR A 38 -19.24 6.59 4.71
CA THR A 38 -18.67 6.23 3.42
C THR A 38 -17.15 6.13 3.54
N ALA A 39 -16.59 5.10 2.93
CA ALA A 39 -15.18 4.74 3.11
C ALA A 39 -14.22 5.92 2.91
N GLU A 40 -14.50 6.74 1.90
CA GLU A 40 -13.62 7.85 1.56
C GLU A 40 -13.47 8.83 2.71
N GLU A 41 -14.61 9.29 3.24
CA GLU A 41 -14.61 10.24 4.35
C GLU A 41 -13.83 9.70 5.54
N LEU A 42 -13.97 8.40 5.80
CA LEU A 42 -13.23 7.76 6.87
C LEU A 42 -11.74 7.76 6.54
N CYS A 43 -11.40 7.48 5.29
CA CYS A 43 -10.00 7.52 4.86
C CYS A 43 -9.44 8.93 4.97
N ILE A 44 -10.27 9.94 4.75
CA ILE A 44 -9.85 11.32 4.94
C ILE A 44 -9.60 11.58 6.43
N ARG A 45 -10.55 11.19 7.27
CA ARG A 45 -10.39 11.33 8.72
C ARG A 45 -9.10 10.65 9.18
N ALA A 46 -8.86 9.46 8.65
CA ALA A 46 -7.67 8.70 8.97
C ALA A 46 -6.42 9.41 8.48
N ALA A 47 -6.47 9.93 7.25
CA ALA A 47 -5.34 10.67 6.69
C ALA A 47 -5.05 11.91 7.52
N GLN A 48 -6.10 12.56 8.01
CA GLN A 48 -5.95 13.69 8.92
C GLN A 48 -5.33 13.25 10.24
N ALA A 49 -5.81 12.12 10.76
CA ALA A 49 -5.32 11.58 12.02
C ALA A 49 -3.81 11.30 11.98
N CYS A 50 -3.32 10.81 10.85
CA CYS A 50 -1.94 10.37 10.74
C CYS A 50 -1.05 11.35 9.99
N ARG A 51 -1.47 12.61 9.92
CA ARG A 51 -0.67 13.66 9.32
C ARG A 51 -0.33 13.40 7.85
N ILE A 52 -1.13 12.55 7.20
CA ILE A 52 -0.91 12.19 5.80
C ILE A 52 -1.26 13.36 4.88
N SER A 53 -0.37 13.65 3.94
CA SER A 53 -0.56 14.75 2.99
C SER A 53 -1.75 14.46 2.07
N PRO A 54 -2.39 15.53 1.55
CA PRO A 54 -3.59 15.33 0.72
C PRO A 54 -3.31 14.64 -0.61
N LEU A 55 -2.06 14.69 -1.06
CA LEU A 55 -1.67 14.02 -2.29
C LEU A 55 -1.63 12.51 -2.09
N CYS A 56 -1.10 12.09 -0.94
CA CYS A 56 -0.87 10.67 -0.67
C CYS A 56 -2.11 9.97 -0.12
N HIS A 57 -3.12 10.75 0.26
CA HIS A 57 -4.38 10.20 0.74
C HIS A 57 -4.93 9.14 -0.23
N ASN A 58 -4.73 9.33 -1.51
CA ASN A 58 -5.29 8.37 -2.44
C ASN A 58 -4.65 7.01 -2.36
N LEU A 59 -3.46 6.93 -1.79
CA LEU A 59 -2.76 5.66 -1.68
C LEU A 59 -3.35 4.74 -0.61
N PHE A 60 -4.17 5.30 0.27
CA PHE A 60 -4.68 4.56 1.42
C PHE A 60 -6.10 4.05 1.22
N ALA A 61 -6.43 2.97 1.93
CA ALA A 61 -7.77 2.39 1.87
C ALA A 61 -8.07 1.58 3.14
N LEU A 62 -9.31 1.15 3.27
CA LEU A 62 -9.76 0.37 4.42
C LEU A 62 -9.78 -1.11 4.12
N TYR A 63 -9.24 -1.89 5.04
CA TYR A 63 -9.13 -3.34 4.89
C TYR A 63 -9.99 -4.03 5.94
N ASP A 64 -10.88 -4.91 5.49
CA ASP A 64 -11.77 -5.63 6.40
C ASP A 64 -11.09 -6.91 6.90
N GLU A 65 -10.68 -6.90 8.16
CA GLU A 65 -9.81 -7.93 8.73
C GLU A 65 -10.36 -9.35 8.63
N ASN A 66 -11.62 -9.54 9.01
CA ASN A 66 -12.20 -10.87 9.07
C ASN A 66 -12.50 -11.46 7.69
N THR A 67 -13.15 -10.68 6.82
CA THR A 67 -13.53 -11.15 5.50
C THR A 67 -12.37 -11.09 4.50
N LYS A 68 -11.31 -10.39 4.87
CA LYS A 68 -10.16 -10.18 3.98
C LYS A 68 -10.58 -9.56 2.65
N LEU A 69 -11.33 -8.47 2.73
CA LEU A 69 -11.82 -7.77 1.55
C LEU A 69 -11.71 -6.26 1.72
N TRP A 70 -11.17 -5.59 0.72
CA TRP A 70 -11.03 -4.14 0.79
C TRP A 70 -12.36 -3.45 0.52
N TYR A 71 -12.47 -2.21 0.95
CA TYR A 71 -13.65 -1.40 0.68
C TYR A 71 -13.35 -0.41 -0.44
N ALA A 72 -14.25 -0.33 -1.41
CA ALA A 72 -14.16 0.70 -2.43
C ALA A 72 -14.51 2.04 -1.80
N PRO A 73 -13.99 3.14 -2.35
CA PRO A 73 -14.22 4.46 -1.74
C PRO A 73 -15.69 4.82 -1.56
N ASN A 74 -16.55 4.29 -2.42
CA ASN A 74 -17.96 4.64 -2.41
C ASN A 74 -18.80 3.70 -1.56
N ARG A 75 -18.18 2.69 -0.98
CA ARG A 75 -18.91 1.70 -0.18
C ARG A 75 -19.50 2.35 1.06
N THR A 76 -20.80 2.13 1.26
CA THR A 76 -21.52 2.70 2.39
C THR A 76 -21.53 1.76 3.59
N ILE A 77 -21.24 2.30 4.77
CA ILE A 77 -21.24 1.54 6.01
C ILE A 77 -22.38 2.00 6.93
N THR A 78 -23.31 1.08 7.20
CA THR A 78 -24.45 1.37 8.06
C THR A 78 -24.32 0.59 9.37
N VAL A 79 -24.20 1.30 10.48
CA VAL A 79 -24.01 0.69 11.79
C VAL A 79 -25.22 0.95 12.69
N MET A 83 -22.90 -3.77 16.86
CA MET A 83 -22.15 -4.77 16.12
C MET A 83 -20.64 -4.61 16.30
N SER A 84 -19.90 -5.65 15.94
CA SER A 84 -18.45 -5.58 16.06
C SER A 84 -17.84 -5.72 14.67
N LEU A 85 -17.01 -4.75 14.30
CA LEU A 85 -16.35 -4.80 13.02
C LEU A 85 -15.12 -3.96 13.10
N ARG A 86 -13.99 -4.56 12.79
CA ARG A 86 -12.74 -3.83 12.90
C ARG A 86 -12.10 -3.67 11.52
N LEU A 87 -11.88 -2.42 11.11
CA LEU A 87 -11.30 -2.12 9.80
C LEU A 87 -9.91 -1.52 9.96
N HIS A 88 -8.97 -1.98 9.13
CA HIS A 88 -7.60 -1.47 9.20
C HIS A 88 -7.39 -0.37 8.15
N TYR A 89 -6.94 0.79 8.60
CA TYR A 89 -6.59 1.86 7.67
C TYR A 89 -5.17 1.59 7.17
N ARG A 90 -5.02 1.25 5.89
CA ARG A 90 -3.69 0.89 5.39
C ARG A 90 -3.45 1.30 3.95
N MET A 91 -2.18 1.52 3.66
CA MET A 91 -1.71 1.84 2.32
C MET A 91 -1.86 0.61 1.43
N ARG A 92 -2.67 0.78 0.37
CA ARG A 92 -3.02 -0.33 -0.51
C ARG A 92 -2.24 -0.30 -1.82
N PHE A 93 -2.09 0.90 -2.37
CA PHE A 93 -1.44 1.06 -3.67
C PHE A 93 0.07 1.28 -3.52
N TYR A 94 0.83 0.27 -3.93
CA TYR A 94 2.26 0.21 -3.66
C TYR A 94 3.07 0.07 -4.95
N PHE A 95 4.27 0.64 -4.95
CA PHE A 95 5.20 0.55 -6.07
C PHE A 95 6.56 0.07 -5.61
N THR A 96 6.99 -1.09 -6.12
CA THR A 96 8.29 -1.64 -5.77
C THR A 96 9.41 -0.69 -6.17
N ASN A 97 10.41 -0.61 -5.30
CA ASN A 97 11.59 0.22 -5.52
C ASN A 97 11.25 1.71 -5.56
N TRP A 98 10.23 2.09 -4.81
CA TRP A 98 9.90 3.50 -4.61
C TRP A 98 11.07 4.23 -3.95
N HIS A 99 11.83 3.48 -3.17
CA HIS A 99 12.97 4.02 -2.43
C HIS A 99 14.18 4.22 -3.34
N GLY A 100 14.18 3.54 -4.49
CA GLY A 100 15.22 3.71 -5.48
C GLY A 100 16.59 3.24 -5.00
N THR A 101 16.61 2.38 -3.99
CA THR A 101 17.84 1.83 -3.45
C THR A 101 18.15 0.47 -4.06
N ASN A 102 17.55 0.19 -5.22
CA ASN A 102 17.75 -1.07 -5.91
C ASN A 102 18.31 -0.84 -7.32
N ASP A 103 19.43 -1.48 -7.61
CA ASP A 103 20.10 -1.31 -8.91
C ASP A 103 19.51 -2.23 -9.97
N ASN A 104 19.06 -3.41 -9.56
CA ASN A 104 18.49 -4.39 -10.48
C ASN A 104 17.01 -4.15 -10.78
N GLU A 105 16.47 -3.06 -10.24
CA GLU A 105 15.06 -2.72 -10.43
C GLU A 105 14.93 -1.31 -11.00
N GLN A 106 13.91 -1.11 -11.85
CA GLN A 106 13.65 0.19 -12.45
C GLN A 106 13.25 1.20 -11.38
N SER A 107 13.60 2.46 -11.61
CA SER A 107 13.33 3.51 -10.62
C SER A 107 11.88 3.99 -10.69
N VAL A 108 11.41 4.53 -9.56
CA VAL A 108 10.07 5.09 -9.45
C VAL A 108 10.17 6.52 -8.97
N TRP A 109 9.48 7.43 -9.65
CA TRP A 109 9.53 8.84 -9.28
C TRP A 109 8.23 9.55 -9.63
N ARG A 110 8.19 10.85 -9.36
CA ARG A 110 7.02 11.69 -9.68
C ARG A 110 7.41 12.86 -10.58
N HIS A 111 6.51 13.23 -11.48
CA HIS A 111 6.77 14.30 -12.45
C HIS A 111 6.97 15.65 -11.76
N SER A 112 8.00 16.37 -12.19
CA SER A 112 8.27 17.72 -11.69
C SER A 112 7.90 18.75 -12.74
N PRO A 113 7.51 19.96 -12.30
CA PRO A 113 7.11 21.01 -13.25
C PRO A 113 8.28 21.51 -14.10
N THR A 129 9.63 15.17 -5.82
CA THR A 129 9.96 14.24 -6.89
C THR A 129 9.80 12.77 -6.44
N PRO A 130 10.18 12.47 -5.19
CA PRO A 130 9.94 11.10 -4.70
C PRO A 130 8.47 10.82 -4.41
N LEU A 131 8.08 9.56 -4.50
CA LEU A 131 6.69 9.15 -4.27
C LEU A 131 6.24 9.48 -2.85
N LEU A 132 6.96 8.92 -1.87
CA LEU A 132 6.56 9.02 -0.46
C LEU A 132 7.27 10.14 0.29
N ASP A 133 6.50 10.86 1.09
CA ASP A 133 7.05 11.81 2.06
C ASP A 133 7.38 11.06 3.34
N ALA A 134 7.80 11.77 4.38
CA ALA A 134 8.19 11.13 5.64
C ALA A 134 6.97 10.60 6.40
N SER A 135 5.91 11.40 6.42
CA SER A 135 4.68 11.05 7.14
C SER A 135 4.09 9.72 6.68
N SER A 136 3.95 9.58 5.36
CA SER A 136 3.41 8.36 4.78
C SER A 136 4.39 7.21 4.97
N LEU A 137 5.68 7.52 4.91
CA LEU A 137 6.75 6.53 5.06
C LEU A 137 6.72 5.89 6.44
N GLU A 138 6.56 6.71 7.46
CA GLU A 138 6.41 6.21 8.83
C GLU A 138 5.27 5.19 8.91
N TYR A 139 4.12 5.56 8.39
CA TYR A 139 2.96 4.68 8.42
C TYR A 139 3.24 3.39 7.66
N LEU A 140 3.86 3.53 6.49
CA LEU A 140 4.26 2.35 5.72
C LEU A 140 5.20 1.46 6.52
N PHE A 141 6.12 2.07 7.28
CA PHE A 141 7.03 1.30 8.13
C PHE A 141 6.27 0.53 9.22
N ALA A 142 5.39 1.22 9.94
CA ALA A 142 4.52 0.57 10.92
C ALA A 142 3.79 -0.60 10.27
N GLN A 143 3.21 -0.32 9.10
CA GLN A 143 2.45 -1.29 8.35
C GLN A 143 3.30 -2.51 8.01
N GLY A 144 4.53 -2.25 7.58
CA GLY A 144 5.47 -3.31 7.24
C GLY A 144 5.76 -4.19 8.42
N GLN A 145 6.01 -3.56 9.57
CA GLN A 145 6.23 -4.31 10.80
C GLN A 145 5.03 -5.18 11.15
N TYR A 146 3.84 -4.58 11.19
CA TYR A 146 2.63 -5.34 11.48
C TYR A 146 2.45 -6.52 10.52
N ASP A 147 2.62 -6.25 9.22
CA ASP A 147 2.45 -7.29 8.19
C ASP A 147 3.46 -8.42 8.35
N LEU A 148 4.73 -8.07 8.62
CA LEU A 148 5.76 -9.08 8.82
C LEU A 148 5.45 -9.93 10.04
N VAL A 149 5.16 -9.29 11.16
CA VAL A 149 4.90 -10.04 12.39
C VAL A 149 3.64 -10.89 12.27
N LYS A 150 2.53 -10.29 11.84
CA LYS A 150 1.25 -11.00 11.77
C LYS A 150 1.12 -11.83 10.49
N CYS A 151 2.20 -11.89 9.72
CA CYS A 151 2.31 -12.77 8.55
C CYS A 151 1.33 -12.44 7.42
N LEU A 152 0.92 -11.18 7.30
CA LEU A 152 0.19 -10.73 6.11
C LEU A 152 1.20 -10.61 4.96
N ALA A 153 2.47 -10.46 5.32
CA ALA A 153 3.57 -10.44 4.36
C ALA A 153 4.47 -11.64 4.60
N PRO A 154 4.03 -12.83 4.17
CA PRO A 154 4.73 -14.06 4.54
C PRO A 154 6.13 -14.16 3.91
N ILE A 155 7.07 -14.78 4.61
CA ILE A 155 8.41 -14.94 4.07
C ILE A 155 8.35 -15.84 2.85
N ARG A 156 9.32 -15.67 1.95
CA ARG A 156 9.40 -16.48 0.74
C ARG A 156 9.77 -17.91 1.08
N ASP A 157 9.35 -18.85 0.24
CA ASP A 157 9.66 -20.25 0.45
C ASP A 157 11.14 -20.50 0.17
N PRO A 158 11.75 -21.44 0.89
CA PRO A 158 13.17 -21.73 0.73
C PRO A 158 13.48 -22.55 -0.52
N LYS A 159 14.36 -22.03 -1.37
CA LYS A 159 14.80 -22.78 -2.55
C LYS A 159 15.66 -23.96 -2.11
N THR A 160 16.19 -23.87 -0.89
CA THR A 160 16.98 -24.95 -0.30
C THR A 160 17.13 -24.73 1.20
N GLU A 161 17.65 -25.74 1.90
CA GLU A 161 17.75 -25.70 3.37
C GLU A 161 18.55 -24.50 3.85
N GLN A 162 19.70 -24.28 3.22
CA GLN A 162 20.56 -23.16 3.57
C GLN A 162 19.83 -21.85 3.32
N ASP A 163 19.02 -21.82 2.27
CA ASP A 163 18.25 -20.64 1.92
C ASP A 163 17.20 -20.35 2.99
N GLY A 164 16.56 -21.40 3.50
CA GLY A 164 15.62 -21.26 4.58
C GLY A 164 16.30 -20.71 5.82
N HIS A 165 17.43 -21.33 6.19
CA HIS A 165 18.22 -20.82 7.30
C HIS A 165 18.56 -19.35 7.10
N ASP A 166 18.99 -19.03 5.88
CA ASP A 166 19.37 -17.66 5.55
C ASP A 166 18.17 -16.72 5.69
N ILE A 167 16.99 -17.19 5.30
CA ILE A 167 15.77 -16.42 5.47
C ILE A 167 15.56 -16.14 6.95
N GLU A 168 15.64 -17.17 7.79
CA GLU A 168 15.54 -16.98 9.24
C GLU A 168 16.57 -15.97 9.76
N ASN A 169 17.79 -16.06 9.24
CA ASN A 169 18.81 -15.09 9.60
C ASN A 169 18.37 -13.67 9.25
N GLU A 170 17.88 -13.50 8.02
CA GLU A 170 17.40 -12.18 7.59
C GLU A 170 16.24 -11.72 8.47
N CYS A 171 15.39 -12.65 8.89
CA CYS A 171 14.33 -12.32 9.85
C CYS A 171 14.93 -11.72 11.13
N LEU A 172 15.93 -12.39 11.69
CA LEU A 172 16.65 -11.83 12.84
C LEU A 172 17.17 -10.43 12.51
N GLY A 173 17.74 -10.27 11.31
CA GLY A 173 18.18 -8.96 10.87
C GLY A 173 17.06 -7.93 10.91
N MET A 174 15.89 -8.31 10.42
CA MET A 174 14.72 -7.43 10.45
C MET A 174 14.35 -7.06 11.89
N ALA A 175 14.35 -8.05 12.77
CA ALA A 175 14.13 -7.80 14.20
C ALA A 175 15.12 -6.76 14.73
N VAL A 176 16.41 -6.96 14.41
CA VAL A 176 17.43 -6.00 14.82
C VAL A 176 17.12 -4.61 14.27
N LEU A 177 16.71 -4.54 12.99
CA LEU A 177 16.37 -3.26 12.37
C LEU A 177 15.23 -2.57 13.11
N ALA A 178 14.17 -3.32 13.38
CA ALA A 178 13.01 -2.79 14.08
C ALA A 178 13.39 -2.27 15.46
N ILE A 179 14.03 -3.13 16.26
CA ILE A 179 14.42 -2.76 17.61
C ILE A 179 15.37 -1.56 17.60
N SER A 180 16.31 -1.56 16.66
CA SER A 180 17.27 -0.46 16.53
C SER A 180 16.56 0.85 16.19
N HIS A 181 15.58 0.79 15.28
CA HIS A 181 14.79 1.96 14.97
C HIS A 181 14.07 2.47 16.21
N TYR A 182 13.42 1.55 16.92
CA TYR A 182 12.74 1.90 18.16
C TYR A 182 13.71 2.56 19.13
N ALA A 183 14.93 2.01 19.21
CA ALA A 183 15.96 2.57 20.06
C ALA A 183 16.29 4.00 19.66
N MET A 184 16.57 4.22 18.37
CA MET A 184 16.92 5.55 17.88
C MET A 184 15.80 6.55 18.10
N MET A 185 14.56 6.12 17.93
CA MET A 185 13.42 7.01 18.10
C MET A 185 13.26 7.48 19.54
N LYS A 186 13.34 6.56 20.49
CA LYS A 186 13.15 6.88 21.89
C LYS A 186 14.38 7.54 22.52
N LYS A 187 15.41 7.80 21.69
CA LYS A 187 16.65 8.42 22.15
C LYS A 187 17.35 7.60 23.24
N MET A 188 16.94 6.34 23.38
CA MET A 188 17.55 5.44 24.35
C MET A 188 18.65 4.60 23.71
N GLN A 189 19.57 4.09 24.53
CA GLN A 189 20.64 3.23 24.06
C GLN A 189 20.38 1.80 24.52
N LEU A 190 21.31 0.89 24.23
CA LEU A 190 21.12 -0.53 24.55
C LEU A 190 21.09 -0.82 26.06
N PRO A 191 21.81 -0.03 26.89
CA PRO A 191 21.62 -0.32 28.32
C PRO A 191 20.27 0.16 28.84
N GLU A 192 19.68 1.15 28.19
CA GLU A 192 18.40 1.70 28.63
C GLU A 192 17.24 0.74 28.35
N LEU A 193 17.24 0.15 27.16
CA LEU A 193 16.19 -0.80 26.79
C LEU A 193 16.28 -2.05 27.64
N PRO A 194 15.13 -2.60 28.07
CA PRO A 194 15.17 -3.86 28.82
C PRO A 194 15.75 -5.01 28.01
N ILE A 197 13.27 -6.63 26.42
CA ILE A 197 12.70 -7.03 25.13
C ILE A 197 13.52 -8.15 24.49
N SER A 198 12.98 -8.71 23.41
CA SER A 198 13.69 -9.75 22.67
C SER A 198 13.22 -9.78 21.23
N TYR A 199 13.77 -10.71 20.46
CA TYR A 199 13.47 -10.79 19.04
C TYR A 199 12.12 -11.47 18.76
N LYS A 200 11.49 -11.99 19.81
CA LYS A 200 10.36 -12.90 19.64
C LYS A 200 9.08 -12.22 19.17
N ARG A 201 8.88 -10.96 19.52
CA ARG A 201 7.68 -10.23 19.12
C ARG A 201 7.91 -9.33 17.91
N TYR A 202 9.06 -9.50 17.26
CA TYR A 202 9.44 -8.66 16.12
C TYR A 202 9.79 -9.53 14.91
N ILE A 203 9.37 -10.78 14.94
CA ILE A 203 9.48 -11.67 13.79
C ILE A 203 8.12 -12.29 13.46
N PRO A 204 7.99 -12.91 12.27
CA PRO A 204 6.74 -13.59 11.97
C PRO A 204 6.35 -14.60 13.04
N GLU A 205 5.08 -14.65 13.41
CA GLU A 205 4.63 -15.51 14.50
C GLU A 205 4.84 -16.98 14.16
N THR A 206 4.81 -17.28 12.87
CA THR A 206 4.94 -18.65 12.41
C THR A 206 6.36 -19.16 12.69
N LEU A 207 7.33 -18.28 12.49
CA LEU A 207 8.73 -18.61 12.77
C LEU A 207 8.96 -18.72 14.27
N ASN A 208 8.40 -17.78 15.02
CA ASN A 208 8.51 -17.84 16.47
C ASN A 208 7.99 -19.18 16.98
N LYS A 209 6.74 -19.50 16.62
CA LYS A 209 6.14 -20.77 17.00
C LYS A 209 6.95 -21.94 16.47
N SER A 210 7.57 -21.78 15.30
CA SER A 210 8.49 -22.80 14.81
C SER A 210 9.67 -22.98 15.77
N ILE A 211 10.22 -21.86 16.25
CA ILE A 211 11.38 -21.90 17.13
C ILE A 211 11.03 -22.49 18.48
N ARG A 212 9.87 -22.12 19.03
CA ARG A 212 9.48 -22.60 20.36
C ARG A 212 9.38 -24.12 20.43
N GLN A 213 9.31 -24.78 19.28
CA GLN A 213 9.21 -26.24 19.22
C GLN A 213 10.55 -26.89 18.94
N ARG A 214 11.60 -26.08 18.78
CA ARG A 214 12.95 -26.61 18.61
C ARG A 214 13.58 -26.85 19.98
N ASN A 215 14.69 -27.60 20.02
CA ASN A 215 15.29 -27.93 21.31
C ASN A 215 15.90 -26.70 21.98
N LEU A 216 16.12 -26.81 23.28
CA LEU A 216 16.55 -25.69 24.10
C LEU A 216 17.80 -25.04 23.55
N LEU A 217 18.78 -25.87 23.18
CA LEU A 217 20.07 -25.37 22.72
C LEU A 217 19.89 -24.49 21.48
N THR A 218 18.98 -24.88 20.58
CA THR A 218 18.75 -24.12 19.37
C THR A 218 18.12 -22.76 19.69
N ARG A 219 17.19 -22.74 20.64
CA ARG A 219 16.56 -21.49 21.08
C ARG A 219 17.60 -20.57 21.70
N MET A 220 18.44 -21.14 22.57
CA MET A 220 19.56 -20.42 23.17
C MET A 220 20.48 -19.84 22.11
N ARG A 221 20.87 -20.70 21.18
CA ARG A 221 21.72 -20.33 20.06
C ARG A 221 21.14 -19.13 19.32
N ILE A 222 19.89 -19.27 18.87
CA ILE A 222 19.23 -18.20 18.11
C ILE A 222 19.20 -16.90 18.92
N ASN A 223 18.78 -16.99 20.19
CA ASN A 223 18.73 -15.80 21.03
C ASN A 223 20.09 -15.12 21.17
N ASN A 224 21.13 -15.93 21.38
CA ASN A 224 22.48 -15.38 21.51
C ASN A 224 22.93 -14.71 20.21
N VAL A 225 22.78 -15.41 19.09
CA VAL A 225 23.16 -14.87 17.79
C VAL A 225 22.42 -13.56 17.54
N PHE A 226 21.13 -13.53 17.88
CA PHE A 226 20.38 -12.29 17.77
C PHE A 226 21.03 -11.20 18.60
N LYS A 227 21.25 -11.49 19.88
CA LYS A 227 21.85 -10.52 20.79
C LYS A 227 23.18 -9.99 20.25
N ASP A 228 23.95 -10.88 19.65
CA ASP A 228 25.20 -10.50 18.99
C ASP A 228 24.94 -9.53 17.83
N PHE A 229 24.02 -9.90 16.93
CA PHE A 229 23.65 -9.02 15.81
C PHE A 229 23.26 -7.63 16.31
N LEU A 230 22.39 -7.60 17.31
CA LEU A 230 21.91 -6.34 17.88
C LEU A 230 23.06 -5.55 18.46
N LYS A 231 23.89 -6.21 19.27
CA LYS A 231 25.05 -5.56 19.88
C LYS A 231 25.94 -4.92 18.82
N GLU A 232 26.40 -5.73 17.88
CA GLU A 232 27.30 -5.24 16.82
C GLU A 232 26.67 -4.10 16.05
N PHE A 233 25.41 -4.27 15.66
CA PHE A 233 24.74 -3.24 14.88
C PHE A 233 24.63 -1.94 15.66
N ASN A 234 24.29 -2.04 16.95
CA ASN A 234 24.07 -0.85 17.76
C ASN A 234 25.37 -0.24 18.30
N ASN A 235 26.43 -1.04 18.37
CA ASN A 235 27.73 -0.54 18.83
C ASN A 235 28.56 0.08 17.72
N LYS A 236 28.68 -0.63 16.60
CA LYS A 236 29.55 -0.21 15.50
C LYS A 236 28.76 0.42 14.35
N THR A 237 28.07 -0.43 13.58
CA THR A 237 27.43 -0.02 12.33
C THR A 237 26.57 1.24 12.43
N ILE A 238 25.72 1.31 13.46
CA ILE A 238 24.75 2.39 13.57
C ILE A 238 25.37 3.78 13.60
N CYS A 239 26.56 3.89 14.18
CA CYS A 239 27.23 5.18 14.33
C CYS A 239 28.48 5.29 13.46
N ASP A 240 29.04 4.14 13.07
CA ASP A 240 30.18 4.12 12.18
C ASP A 240 29.82 4.74 10.83
N SER A 241 28.61 4.46 10.38
CA SER A 241 28.10 5.00 9.12
C SER A 241 27.08 6.11 9.37
N SER A 242 26.77 6.36 10.65
CA SER A 242 25.80 7.37 11.03
C SER A 242 24.44 7.09 10.38
N VAL A 243 23.99 5.84 10.47
CA VAL A 243 22.73 5.42 9.88
C VAL A 243 21.55 6.14 10.53
N SER A 244 20.80 6.88 9.75
CA SER A 244 19.65 7.62 10.25
C SER A 244 18.47 6.70 10.42
N THR A 245 17.34 7.24 10.85
CA THR A 245 16.15 6.45 11.11
C THR A 245 15.47 6.14 9.77
N HIS A 246 15.36 7.19 8.95
CA HIS A 246 14.86 7.08 7.59
C HIS A 246 15.56 5.94 6.86
N ASP A 247 16.89 5.91 6.93
CA ASP A 247 17.67 4.87 6.29
C ASP A 247 17.24 3.48 6.75
N LEU A 248 17.01 3.33 8.05
CA LEU A 248 16.58 2.05 8.61
C LEU A 248 15.19 1.66 8.09
N LYS A 249 14.27 2.63 8.08
CA LYS A 249 12.93 2.37 7.51
C LYS A 249 13.05 1.85 6.08
N VAL A 250 13.75 2.62 5.25
CA VAL A 250 13.94 2.25 3.85
C VAL A 250 14.55 0.86 3.73
N LYS A 251 15.59 0.61 4.53
CA LYS A 251 16.24 -0.70 4.52
C LYS A 251 15.23 -1.81 4.84
N TYR A 252 14.45 -1.57 5.89
CA TYR A 252 13.47 -2.54 6.35
C TYR A 252 12.47 -2.86 5.26
N LEU A 253 11.93 -1.82 4.63
CA LEU A 253 10.93 -2.00 3.59
C LEU A 253 11.50 -2.65 2.33
N ALA A 254 12.71 -2.25 1.92
CA ALA A 254 13.36 -2.88 0.77
C ALA A 254 13.59 -4.37 1.05
N THR A 255 14.05 -4.66 2.27
CA THR A 255 14.25 -6.04 2.69
C THR A 255 12.91 -6.77 2.64
N LEU A 256 11.85 -6.11 3.08
CA LEU A 256 10.50 -6.66 2.93
C LEU A 256 10.20 -7.00 1.47
N GLU A 257 10.48 -6.07 0.56
CA GLU A 257 10.28 -6.33 -0.86
C GLU A 257 11.01 -7.59 -1.30
N THR A 258 12.27 -7.73 -0.89
CA THR A 258 13.05 -8.91 -1.29
C THR A 258 12.77 -10.20 -0.49
N LEU A 259 12.32 -10.06 0.76
CA LEU A 259 12.27 -11.19 1.69
C LEU A 259 10.92 -11.91 1.73
N THR A 260 9.87 -11.21 1.33
CA THR A 260 8.50 -11.74 1.43
C THR A 260 7.89 -12.05 0.07
N LYS A 261 6.79 -12.80 0.09
CA LYS A 261 6.09 -13.20 -1.12
C LYS A 261 5.30 -12.04 -1.69
N HIS A 262 5.64 -11.65 -2.92
CA HIS A 262 4.84 -10.69 -3.68
C HIS A 262 4.40 -9.49 -2.85
N TYR A 263 5.35 -8.82 -2.20
CA TYR A 263 5.03 -7.69 -1.34
C TYR A 263 4.46 -6.53 -2.17
N GLY A 264 3.49 -5.83 -1.59
CA GLY A 264 2.87 -4.70 -2.27
C GLY A 264 2.09 -5.14 -3.51
N ALA A 265 1.53 -6.34 -3.45
CA ALA A 265 0.78 -6.89 -4.56
C ALA A 265 -0.43 -7.66 -4.05
N GLU A 266 -1.50 -7.65 -4.85
CA GLU A 266 -2.69 -8.41 -4.52
C GLU A 266 -2.94 -9.48 -5.57
N ILE A 267 -3.17 -10.70 -5.09
CA ILE A 267 -3.43 -11.85 -5.93
C ILE A 267 -4.86 -12.32 -5.70
N PHE A 268 -5.59 -12.53 -6.79
CA PHE A 268 -6.96 -12.99 -6.74
C PHE A 268 -7.06 -14.38 -7.37
N GLU A 269 -7.85 -15.26 -6.77
CA GLU A 269 -8.06 -16.60 -7.31
C GLU A 269 -9.29 -16.64 -8.21
N THR A 270 -9.29 -17.55 -9.17
CA THR A 270 -10.47 -17.77 -10.01
C THR A 270 -10.47 -19.15 -10.66
N SER A 271 -11.67 -19.65 -10.94
CA SER A 271 -11.86 -20.94 -11.58
C SER A 271 -12.37 -20.77 -13.01
N MET A 272 -12.62 -19.53 -13.40
CA MET A 272 -13.06 -19.21 -14.76
C MET A 272 -12.39 -17.93 -15.26
N LEU A 273 -11.40 -18.08 -16.13
CA LEU A 273 -10.66 -16.93 -16.66
C LEU A 273 -10.87 -16.84 -18.17
N LEU A 274 -11.00 -15.61 -18.66
CA LEU A 274 -11.22 -15.39 -20.09
C LEU A 274 -10.28 -14.33 -20.63
N ILE A 275 -9.48 -14.71 -21.61
CA ILE A 275 -8.61 -13.76 -22.32
C ILE A 275 -8.98 -13.80 -23.80
N SER A 276 -9.47 -12.69 -24.33
CA SER A 276 -9.98 -12.67 -25.69
C SER A 276 -9.67 -11.41 -26.47
N SER A 277 -9.69 -11.52 -27.79
CA SER A 277 -9.54 -10.41 -28.71
C SER A 277 -10.49 -10.60 -29.89
N GLU A 278 -10.32 -9.79 -30.94
CA GLU A 278 -11.22 -9.81 -32.08
C GLU A 278 -11.21 -11.17 -32.80
N ASN A 279 -10.09 -11.86 -32.73
CA ASN A 279 -9.92 -13.15 -33.40
C ASN A 279 -9.47 -14.26 -32.45
N GLU A 280 -9.56 -14.01 -31.16
CA GLU A 280 -9.17 -15.00 -30.14
C GLU A 280 -10.18 -15.04 -28.99
N MET A 281 -10.31 -16.20 -28.37
CA MET A 281 -11.30 -16.41 -27.32
C MET A 281 -10.84 -17.55 -26.40
N ASN A 282 -9.88 -17.27 -25.52
CA ASN A 282 -9.30 -18.30 -24.67
C ASN A 282 -9.91 -18.37 -23.29
N TRP A 283 -10.67 -19.44 -23.06
CA TRP A 283 -11.36 -19.66 -21.80
C TRP A 283 -10.64 -20.73 -20.99
N PHE A 284 -10.38 -20.41 -19.74
CA PHE A 284 -9.66 -21.29 -18.82
C PHE A 284 -10.58 -21.67 -17.66
N HIS A 285 -10.92 -22.95 -17.58
CA HIS A 285 -11.87 -23.45 -16.60
C HIS A 285 -11.60 -24.90 -16.21
N SER A 286 -11.86 -25.22 -14.95
CA SER A 286 -11.62 -26.56 -14.42
C SER A 286 -10.13 -26.88 -14.42
N LEU A 293 -10.32 -23.39 -7.37
CA LEU A 293 -9.66 -22.25 -7.98
C LEU A 293 -8.35 -22.69 -8.57
N TYR A 294 -8.20 -22.58 -9.87
CA TYR A 294 -6.98 -23.01 -10.54
C TYR A 294 -6.16 -21.88 -11.15
N TYR A 295 -6.72 -20.67 -11.18
CA TYR A 295 -6.03 -19.57 -11.86
C TYR A 295 -5.90 -18.32 -10.99
N GLU A 296 -4.74 -17.69 -11.07
CA GLU A 296 -4.44 -16.51 -10.27
C GLU A 296 -4.28 -15.30 -11.17
N VAL A 297 -4.78 -14.18 -10.67
CA VAL A 297 -4.64 -12.89 -11.36
C VAL A 297 -4.05 -11.91 -10.36
N MET A 298 -2.88 -11.37 -10.69
CA MET A 298 -2.17 -10.49 -9.78
C MET A 298 -2.18 -9.07 -10.29
N VAL A 299 -2.38 -8.12 -9.37
CA VAL A 299 -2.33 -6.70 -9.70
C VAL A 299 -1.17 -6.03 -8.97
N THR A 300 -0.25 -5.44 -9.75
CA THR A 300 0.90 -4.74 -9.20
C THR A 300 1.01 -3.35 -9.82
N GLY A 301 1.56 -2.41 -9.05
CA GLY A 301 1.59 -1.01 -9.42
C GLY A 301 2.59 -0.63 -10.49
N ASN A 302 3.53 -1.52 -10.79
CA ASN A 302 4.55 -1.24 -11.82
C ASN A 302 4.59 -2.28 -12.93
N LEU A 303 3.66 -3.22 -12.91
CA LEU A 303 3.48 -4.18 -14.00
C LEU A 303 2.01 -4.36 -14.36
N GLY A 304 1.13 -3.74 -13.58
CA GLY A 304 -0.28 -3.76 -13.91
C GLY A 304 -0.94 -5.09 -13.60
N ILE A 305 -1.76 -5.58 -14.54
CA ILE A 305 -2.49 -6.82 -14.33
C ILE A 305 -1.80 -7.97 -15.04
N GLN A 306 -1.54 -9.03 -14.28
CA GLN A 306 -0.98 -10.26 -14.82
C GLN A 306 -1.82 -11.45 -14.37
N TRP A 307 -1.65 -12.58 -15.03
CA TRP A 307 -2.39 -13.78 -14.66
C TRP A 307 -1.56 -15.04 -14.89
N ARG A 308 -1.97 -16.15 -14.27
CA ARG A 308 -1.29 -17.42 -14.48
C ARG A 308 -2.08 -18.60 -13.97
N HIS A 309 -1.70 -19.79 -14.44
CA HIS A 309 -2.21 -21.03 -13.90
C HIS A 309 -1.63 -21.22 -12.50
N LYS A 310 -2.49 -21.42 -11.51
CA LYS A 310 -2.04 -21.60 -10.14
C LYS A 310 -1.11 -22.81 -10.06
N PRO A 311 0.12 -22.62 -9.56
CA PRO A 311 1.13 -23.69 -9.61
C PRO A 311 0.76 -24.93 -8.79
N ASN A 312 1.32 -26.07 -9.16
CA ASN A 312 1.06 -27.33 -8.48
C ASN A 312 1.39 -27.26 -7.00
N GLU A 343 4.75 -21.41 -15.30
CA GLU A 343 5.46 -21.03 -14.08
C GLU A 343 5.42 -19.52 -13.87
N GLU A 344 5.62 -18.77 -14.95
CA GLU A 344 5.72 -17.32 -14.88
C GLU A 344 4.40 -16.67 -15.26
N TRP A 345 4.25 -15.40 -14.90
CA TRP A 345 3.02 -14.67 -15.11
C TRP A 345 2.88 -14.19 -16.55
N ASN A 346 1.65 -14.25 -17.08
CA ASN A 346 1.34 -13.69 -18.38
C ASN A 346 0.79 -12.28 -18.23
N ASN A 347 1.42 -11.32 -18.89
CA ASN A 347 0.97 -9.93 -18.82
C ASN A 347 -0.29 -9.74 -19.64
N PHE A 348 -1.35 -9.24 -19.01
CA PHE A 348 -2.54 -8.85 -19.74
C PHE A 348 -2.42 -7.40 -20.16
N SER A 349 -2.38 -6.50 -19.18
CA SER A 349 -2.32 -5.08 -19.46
C SER A 349 -1.75 -4.24 -18.33
N PHE A 350 -0.97 -3.23 -18.70
CA PHE A 350 -0.64 -2.15 -17.78
C PHE A 350 -1.89 -1.27 -17.68
N PHE A 351 -1.94 -0.37 -16.70
CA PHE A 351 -3.17 0.34 -16.40
C PHE A 351 -3.61 1.34 -17.48
N PRO A 352 -2.67 2.12 -18.05
CA PRO A 352 -3.06 3.14 -19.02
C PRO A 352 -3.83 2.62 -20.23
N GLU A 353 -3.75 1.31 -20.49
CA GLU A 353 -4.38 0.72 -21.67
C GLU A 353 -5.83 0.32 -21.45
N ILE A 354 -6.26 0.28 -20.19
CA ILE A 354 -7.66 -0.05 -19.89
C ILE A 354 -8.55 1.13 -20.27
N THR A 355 -9.69 0.82 -20.88
CA THR A 355 -10.67 1.82 -21.29
C THR A 355 -11.84 1.86 -20.33
N HIS A 356 -12.26 0.67 -19.90
CA HIS A 356 -13.32 0.56 -18.90
C HIS A 356 -13.44 -0.87 -18.35
N ILE A 357 -14.08 -0.95 -17.19
CA ILE A 357 -14.28 -2.21 -16.48
C ILE A 357 -15.75 -2.35 -16.13
N VAL A 358 -16.34 -3.48 -16.51
CA VAL A 358 -17.73 -3.75 -16.23
C VAL A 358 -17.88 -4.90 -15.24
N ILE A 359 -18.74 -4.73 -14.26
CA ILE A 359 -19.02 -5.77 -13.27
C ILE A 359 -20.44 -6.29 -13.35
N LYS A 360 -20.61 -7.59 -13.39
CA LYS A 360 -21.93 -8.17 -13.39
C LYS A 360 -21.91 -9.24 -12.32
N GLU A 361 -22.59 -9.00 -11.22
CA GLU A 361 -22.56 -9.97 -10.13
C GLU A 361 -21.14 -10.10 -9.59
N SER A 362 -20.62 -11.31 -9.59
CA SER A 362 -19.25 -11.57 -9.15
C SER A 362 -18.27 -11.56 -10.30
N VAL A 363 -18.75 -11.24 -11.50
CA VAL A 363 -17.92 -11.30 -12.69
C VAL A 363 -17.37 -9.92 -13.04
N VAL A 364 -16.06 -9.86 -13.29
CA VAL A 364 -15.39 -8.64 -13.69
C VAL A 364 -14.92 -8.77 -15.13
N SER A 365 -15.19 -7.73 -15.91
CA SER A 365 -14.79 -7.68 -17.32
C SER A 365 -13.95 -6.43 -17.56
N ILE A 366 -12.66 -6.65 -17.78
CA ILE A 366 -11.70 -5.60 -18.05
C ILE A 366 -11.45 -5.44 -19.56
N ASN A 367 -11.72 -4.24 -20.08
CA ASN A 367 -11.55 -3.98 -21.51
C ASN A 367 -10.31 -3.13 -21.84
N LYS A 368 -9.46 -3.64 -22.72
CA LYS A 368 -8.24 -2.94 -23.12
C LYS A 368 -8.46 -2.08 -24.37
N GLN A 369 -7.48 -1.23 -24.68
CA GLN A 369 -7.57 -0.31 -25.81
C GLN A 369 -7.58 -1.04 -27.16
N ASP A 370 -6.90 -2.17 -27.23
CA ASP A 370 -6.80 -2.93 -28.47
C ASP A 370 -8.00 -3.86 -28.64
N ASN A 371 -9.11 -3.51 -28.01
CA ASN A 371 -10.32 -4.34 -28.04
C ASN A 371 -10.10 -5.73 -27.44
N LYS A 372 -8.96 -5.92 -26.79
CA LYS A 372 -8.71 -7.16 -26.05
C LYS A 372 -9.48 -7.08 -24.74
N LYS A 373 -9.75 -8.24 -24.15
CA LYS A 373 -10.53 -8.29 -22.92
C LYS A 373 -10.04 -9.38 -22.00
N MET A 374 -10.03 -9.06 -20.70
CA MET A 374 -9.85 -10.05 -19.65
C MET A 374 -11.16 -10.12 -18.88
N GLU A 375 -11.64 -11.33 -18.61
CA GLU A 375 -12.86 -11.51 -17.84
C GLU A 375 -12.65 -12.60 -16.82
N LEU A 376 -13.11 -12.37 -15.59
CA LEU A 376 -12.92 -13.35 -14.53
C LEU A 376 -14.07 -13.35 -13.53
N LYS A 377 -14.34 -14.54 -13.00
CA LYS A 377 -15.42 -14.72 -12.02
C LYS A 377 -14.86 -15.00 -10.62
N LEU A 378 -15.02 -14.02 -9.74
CA LEU A 378 -14.54 -14.11 -8.37
C LEU A 378 -15.56 -14.79 -7.47
N SER A 379 -15.37 -14.68 -6.17
CA SER A 379 -16.19 -15.40 -5.20
C SER A 379 -17.54 -14.72 -4.95
N SER A 380 -17.56 -13.38 -5.06
CA SER A 380 -18.78 -12.63 -4.80
C SER A 380 -18.71 -11.23 -5.42
N HIS A 381 -19.70 -10.40 -5.08
CA HIS A 381 -19.76 -9.04 -5.59
C HIS A 381 -18.76 -8.13 -4.87
N GLU A 382 -18.62 -8.38 -3.58
CA GLU A 382 -17.74 -7.58 -2.73
C GLU A 382 -16.28 -7.69 -3.21
N GLU A 383 -15.88 -8.92 -3.53
CA GLU A 383 -14.51 -9.16 -3.99
C GLU A 383 -14.28 -8.49 -5.34
N ALA A 384 -15.30 -8.52 -6.19
CA ALA A 384 -15.24 -7.83 -7.47
C ALA A 384 -15.06 -6.33 -7.23
N LEU A 385 -15.85 -5.78 -6.32
CA LEU A 385 -15.71 -4.37 -5.96
C LEU A 385 -14.27 -4.07 -5.50
N SER A 386 -13.75 -4.90 -4.59
CA SER A 386 -12.37 -4.77 -4.11
C SER A 386 -11.34 -4.76 -5.25
N PHE A 387 -11.45 -5.76 -6.11
CA PHE A 387 -10.60 -5.89 -7.29
C PHE A 387 -10.65 -4.63 -8.16
N VAL A 388 -11.83 -4.30 -8.66
CA VAL A 388 -11.96 -3.17 -9.57
C VAL A 388 -11.52 -1.88 -8.87
N SER A 389 -11.79 -1.77 -7.57
CA SER A 389 -11.42 -0.56 -6.84
C SER A 389 -9.90 -0.44 -6.80
N LEU A 390 -9.22 -1.57 -6.62
CA LEU A 390 -7.76 -1.60 -6.73
C LEU A 390 -7.31 -1.13 -8.11
N VAL A 391 -7.79 -1.82 -9.14
CA VAL A 391 -7.42 -1.49 -10.52
C VAL A 391 -7.68 -0.01 -10.83
N ASP A 392 -8.82 0.48 -10.34
CA ASP A 392 -9.26 1.83 -10.62
C ASP A 392 -8.33 2.83 -9.95
N GLY A 393 -8.07 2.60 -8.67
CA GLY A 393 -7.14 3.44 -7.94
C GLY A 393 -5.81 3.50 -8.65
N TYR A 394 -5.31 2.33 -9.06
CA TYR A 394 -4.05 2.30 -9.79
C TYR A 394 -4.15 3.11 -11.09
N PHE A 395 -5.25 2.95 -11.82
CA PHE A 395 -5.44 3.72 -13.03
C PHE A 395 -5.31 5.21 -12.74
N ARG A 396 -5.94 5.66 -11.67
CA ARG A 396 -5.78 7.05 -11.26
C ARG A 396 -4.34 7.37 -10.90
N LEU A 397 -3.65 6.40 -10.31
CA LEU A 397 -2.26 6.63 -9.94
C LEU A 397 -1.34 6.77 -11.15
N THR A 398 -1.54 5.98 -12.21
CA THR A 398 -0.61 6.03 -13.34
C THR A 398 -1.17 6.56 -14.65
N ALA A 399 -2.50 6.55 -14.83
CA ALA A 399 -3.09 6.98 -16.10
C ALA A 399 -3.63 8.41 -16.05
N ASP A 400 -4.90 8.56 -15.67
CA ASP A 400 -5.51 9.88 -15.53
C ASP A 400 -6.00 10.08 -14.10
N ALA A 401 -5.60 11.19 -13.50
CA ALA A 401 -5.91 11.46 -12.09
C ALA A 401 -7.35 11.93 -11.88
N HIS A 402 -8.13 12.02 -12.95
CA HIS A 402 -9.49 12.57 -12.86
C HIS A 402 -10.54 11.71 -13.56
N HIS A 403 -10.14 10.55 -14.06
CA HIS A 403 -11.08 9.63 -14.70
C HIS A 403 -11.21 8.36 -13.87
N TYR A 404 -12.38 7.73 -13.94
CA TYR A 404 -12.61 6.45 -13.26
C TYR A 404 -13.12 5.40 -14.26
N LEU A 405 -12.85 4.14 -13.97
CA LEU A 405 -13.07 3.06 -14.94
C LEU A 405 -14.38 2.29 -14.71
N CYS A 406 -15.00 2.51 -13.56
CA CYS A 406 -16.22 1.77 -13.22
C CYS A 406 -17.05 2.55 -12.21
N THR A 407 -18.30 2.82 -12.57
CA THR A 407 -19.19 3.62 -11.75
C THR A 407 -19.49 2.92 -10.42
N ASP A 408 -19.37 1.60 -10.41
CA ASP A 408 -19.68 0.82 -9.21
C ASP A 408 -18.71 1.11 -8.06
N VAL A 409 -17.59 1.76 -8.37
CA VAL A 409 -16.56 2.04 -7.36
C VAL A 409 -15.94 3.41 -7.55
N ALA A 410 -16.72 4.34 -8.09
CA ALA A 410 -16.26 5.71 -8.26
C ALA A 410 -16.38 6.47 -6.94
N PRO A 411 -15.27 7.06 -6.46
CA PRO A 411 -15.35 7.83 -5.21
C PRO A 411 -16.18 9.11 -5.37
N PRO A 412 -17.23 9.31 -4.54
CA PRO A 412 -18.11 10.49 -4.71
C PRO A 412 -17.36 11.81 -4.94
N LEU A 413 -16.17 11.93 -4.38
CA LEU A 413 -15.39 13.16 -4.48
C LEU A 413 -14.94 13.44 -5.91
N ILE A 414 -14.42 12.41 -6.55
CA ILE A 414 -13.92 12.52 -7.91
C ILE A 414 -15.07 12.84 -8.86
N VAL A 415 -16.19 12.21 -8.63
CA VAL A 415 -17.40 12.40 -9.41
C VAL A 415 -17.85 13.86 -9.27
N HIS A 416 -18.03 14.28 -8.02
CA HIS A 416 -18.38 15.67 -7.74
C HIS A 416 -17.27 16.59 -8.21
N ASN A 417 -16.05 16.07 -8.27
CA ASN A 417 -14.91 16.85 -8.75
C ASN A 417 -15.07 17.21 -10.23
N ILE A 418 -15.09 16.19 -11.09
CA ILE A 418 -15.21 16.42 -12.53
C ILE A 418 -16.59 16.98 -12.89
N GLN A 419 -17.61 16.63 -12.10
CA GLN A 419 -18.94 17.15 -12.33
C GLN A 419 -18.97 18.67 -12.18
N ASN A 420 -18.21 19.17 -11.20
CA ASN A 420 -18.10 20.61 -10.96
C ASN A 420 -16.82 21.19 -11.58
N GLY A 421 -16.12 20.38 -12.36
CA GLY A 421 -14.91 20.83 -13.03
C GLY A 421 -13.81 21.20 -12.08
N CYS A 422 -13.60 20.37 -11.07
CA CYS A 422 -12.58 20.60 -10.05
C CYS A 422 -11.43 19.62 -10.20
N HIS A 423 -10.21 20.16 -10.30
CA HIS A 423 -9.02 19.33 -10.44
C HIS A 423 -8.63 18.71 -9.10
N GLY A 424 -7.41 18.22 -9.03
CA GLY A 424 -6.86 17.62 -7.83
C GLY A 424 -5.78 18.51 -7.27
N PRO A 425 -5.30 18.20 -6.01
CA PRO A 425 -4.28 19.13 -5.52
C PRO A 425 -3.09 18.99 -6.42
N ILE A 426 -2.63 20.06 -7.03
CA ILE A 426 -1.50 19.94 -7.90
C ILE A 426 -0.50 21.03 -7.61
N CYS A 427 0.74 20.81 -8.05
CA CYS A 427 1.82 21.77 -7.86
C CYS A 427 1.40 23.02 -8.63
N THR A 428 1.73 24.19 -8.10
CA THR A 428 1.31 25.42 -8.74
C THR A 428 1.77 25.62 -10.19
N GLU A 429 3.03 25.37 -10.48
CA GLU A 429 3.48 25.57 -11.86
C GLU A 429 2.43 25.06 -12.84
N TYR A 430 1.83 23.92 -12.52
CA TYR A 430 0.80 23.34 -13.36
C TYR A 430 -0.46 24.21 -13.39
N ALA A 431 -0.78 24.80 -12.24
CA ALA A 431 -1.93 25.68 -12.14
C ALA A 431 -1.73 26.95 -12.95
N ILE A 432 -0.59 27.62 -12.73
CA ILE A 432 -0.27 28.83 -13.46
C ILE A 432 -0.17 28.53 -14.96
N ASN A 433 0.44 27.41 -15.31
CA ASN A 433 0.52 26.99 -16.70
C ASN A 433 -0.87 26.76 -17.29
N LYS A 434 -1.72 26.07 -16.55
CA LYS A 434 -3.09 25.81 -16.98
C LYS A 434 -3.86 27.13 -17.11
N LEU A 435 -3.57 28.08 -16.24
CA LEU A 435 -4.20 29.39 -16.29
C LEU A 435 -3.68 30.23 -17.46
N ARG A 436 -2.39 30.14 -17.74
CA ARG A 436 -1.76 30.92 -18.80
C ARG A 436 -2.25 30.48 -20.19
N GLN A 437 -2.19 29.18 -20.46
CA GLN A 437 -2.55 28.67 -21.78
C GLN A 437 -4.07 28.56 -21.99
N GLU A 438 -4.84 29.08 -21.04
CA GLU A 438 -6.29 29.07 -21.15
C GLU A 438 -6.77 29.92 -22.31
N TYR A 445 -10.67 30.51 -14.75
CA TYR A 445 -10.53 30.19 -13.34
C TYR A 445 -10.37 28.69 -13.14
N VAL A 446 -9.20 28.28 -12.67
CA VAL A 446 -8.93 26.85 -12.44
C VAL A 446 -9.23 26.51 -11.01
N LEU A 447 -9.96 25.41 -10.82
CA LEU A 447 -10.31 24.96 -9.50
C LEU A 447 -9.51 23.74 -9.13
N ARG A 448 -8.88 23.78 -7.97
CA ARG A 448 -8.07 22.66 -7.56
C ARG A 448 -8.33 22.22 -6.14
N TRP A 449 -7.34 21.59 -5.54
CA TRP A 449 -7.57 21.22 -4.16
C TRP A 449 -6.39 21.70 -3.34
N SER A 450 -6.62 21.92 -2.06
CA SER A 450 -5.60 22.41 -1.15
C SER A 450 -4.47 21.39 -1.05
N CYS A 451 -3.24 21.85 -1.28
CA CYS A 451 -2.07 20.98 -1.28
C CYS A 451 -1.58 20.71 0.14
N THR A 452 -2.22 21.34 1.12
CA THR A 452 -1.81 21.25 2.52
C THR A 452 -2.83 20.54 3.40
N ASP A 453 -4.12 20.79 3.15
CA ASP A 453 -5.19 20.22 3.96
C ASP A 453 -6.41 19.82 3.11
N PHE A 454 -7.27 19.00 3.70
CA PHE A 454 -8.47 18.50 3.02
C PHE A 454 -9.65 19.44 3.17
N ASP A 455 -9.49 20.49 3.96
CA ASP A 455 -10.62 21.29 4.41
C ASP A 455 -11.14 22.31 3.41
N ASN A 456 -10.30 22.71 2.46
CA ASN A 456 -10.68 23.75 1.52
C ASN A 456 -10.20 23.60 0.08
N ILE A 457 -10.93 24.22 -0.85
CA ILE A 457 -10.58 24.16 -2.28
C ILE A 457 -9.95 25.43 -2.80
N LEU A 458 -8.76 25.30 -3.36
CA LEU A 458 -8.02 26.41 -3.88
C LEU A 458 -8.20 26.52 -5.38
N ILE A 482 -11.80 29.23 -1.13
CA ILE A 482 -13.07 28.60 -0.83
C ILE A 482 -12.88 27.46 0.17
N GLU A 483 -13.65 27.49 1.25
CA GLU A 483 -13.53 26.50 2.32
C GLU A 483 -14.85 25.76 2.53
N VAL A 484 -14.80 24.45 2.36
CA VAL A 484 -15.97 23.58 2.52
C VAL A 484 -16.04 23.00 3.93
N GLN A 485 -17.26 22.82 4.42
CA GLN A 485 -17.49 22.24 5.73
C GLN A 485 -18.64 21.24 5.68
N LYS A 486 -18.97 20.64 6.82
CA LYS A 486 -20.02 19.62 6.90
C LYS A 486 -21.36 20.15 6.39
N ARG A 488 -21.87 21.99 3.43
CA ARG A 488 -22.03 23.39 3.11
C ARG A 488 -20.73 23.94 2.50
N TYR A 489 -20.89 24.79 1.48
CA TYR A 489 -19.74 25.39 0.79
C TYR A 489 -19.77 26.91 0.93
N SER A 490 -18.59 27.50 1.09
CA SER A 490 -18.47 28.95 1.25
C SER A 490 -17.04 29.41 1.05
N LEU A 491 -16.86 30.72 0.90
CA LEU A 491 -15.54 31.32 0.81
C LEU A 491 -14.95 31.50 2.21
N HIS A 492 -13.66 31.80 2.27
CA HIS A 492 -12.96 32.00 3.55
C HIS A 492 -13.66 33.02 4.44
N GLY A 493 -14.04 34.15 3.86
CA GLY A 493 -14.68 35.22 4.60
C GLY A 493 -16.19 35.19 4.50
N SER A 494 -16.71 34.28 3.68
CA SER A 494 -18.15 34.17 3.46
C SER A 494 -18.87 33.71 4.73
N ASP A 495 -20.19 33.89 4.72
CA ASP A 495 -21.05 33.47 5.83
C ASP A 495 -22.23 32.66 5.33
N ARG A 496 -22.45 32.66 4.02
CA ARG A 496 -23.57 31.94 3.41
C ARG A 496 -23.17 30.51 3.06
N SER A 497 -23.82 29.55 3.71
CA SER A 497 -23.53 28.14 3.50
C SER A 497 -24.31 27.57 2.32
N PHE A 498 -23.78 27.74 1.11
CA PHE A 498 -24.38 27.15 -0.08
C PHE A 498 -24.40 25.62 0.06
N PRO A 499 -25.58 24.99 -0.01
CA PRO A 499 -25.70 23.54 0.22
C PRO A 499 -24.74 22.66 -0.58
N SER A 500 -24.34 23.14 -1.76
CA SER A 500 -23.40 22.40 -2.60
C SER A 500 -22.49 23.37 -3.36
N LEU A 501 -21.42 22.83 -3.94
CA LEU A 501 -20.48 23.64 -4.70
C LEU A 501 -21.14 24.27 -5.91
N GLY A 502 -21.96 23.49 -6.61
CA GLY A 502 -22.67 23.97 -7.78
C GLY A 502 -23.52 25.18 -7.47
N ASP A 503 -24.23 25.14 -6.35
CA ASP A 503 -25.08 26.24 -5.93
C ASP A 503 -24.25 27.47 -5.63
N LEU A 504 -23.20 27.29 -4.82
CA LEU A 504 -22.31 28.40 -4.45
C LEU A 504 -21.62 28.97 -5.67
N MET A 505 -21.35 28.11 -6.66
CA MET A 505 -20.69 28.52 -7.89
C MET A 505 -21.68 29.22 -8.83
N SER A 506 -22.93 28.77 -8.81
CA SER A 506 -23.97 29.40 -9.63
C SER A 506 -24.21 30.83 -9.15
N HIS A 507 -24.32 31.03 -7.85
CA HIS A 507 -24.51 32.38 -7.32
C HIS A 507 -23.19 33.13 -7.30
N LEU A 508 -22.09 32.43 -7.50
CA LEU A 508 -20.79 33.06 -7.46
C LEU A 508 -20.68 34.18 -8.49
N CYS A 526 -12.31 26.95 -16.98
CA CYS A 526 -11.38 25.89 -17.37
C CYS A 526 -11.78 24.55 -16.76
N GLN A 527 -11.00 23.51 -17.06
CA GLN A 527 -11.26 22.19 -16.54
C GLN A 527 -10.05 21.30 -16.65
N PRO A 528 -10.11 20.10 -16.08
CA PRO A 528 -8.97 19.18 -16.13
C PRO A 528 -8.86 18.41 -17.43
N LYS A 529 -7.64 18.25 -17.92
CA LYS A 529 -7.40 17.54 -19.16
C LYS A 529 -7.20 16.05 -18.96
N PRO A 530 -7.89 15.23 -19.76
CA PRO A 530 -7.76 13.78 -19.62
C PRO A 530 -6.37 13.28 -19.94
N ARG A 531 -5.85 12.38 -19.11
CA ARG A 531 -4.50 11.85 -19.27
C ARG A 531 -3.44 12.95 -19.20
N GLU A 532 -3.77 14.04 -18.50
CA GLU A 532 -2.85 15.15 -18.33
C GLU A 532 -1.78 14.82 -17.29
N ILE A 533 -0.52 15.15 -17.58
CA ILE A 533 0.58 14.83 -16.68
C ILE A 533 0.53 15.74 -15.47
N SER A 534 1.04 15.22 -14.35
CA SER A 534 1.09 15.98 -13.10
C SER A 534 1.91 15.21 -12.08
N ASN A 535 2.15 15.84 -10.93
CA ASN A 535 2.83 15.16 -9.83
C ASN A 535 1.88 14.21 -9.11
N LEU A 536 0.64 14.15 -9.57
CA LEU A 536 -0.32 13.16 -9.08
C LEU A 536 -0.14 11.83 -9.79
N LEU A 537 0.81 11.78 -10.72
CA LEU A 537 1.11 10.57 -11.48
C LEU A 537 2.49 10.02 -11.13
N VAL A 538 2.64 8.71 -11.24
CA VAL A 538 3.91 8.04 -10.97
C VAL A 538 4.50 7.50 -12.27
N ALA A 539 5.74 7.88 -12.57
CA ALA A 539 6.34 7.59 -13.87
C ALA A 539 6.75 6.14 -14.03
N THR A 540 6.86 5.41 -12.91
CA THR A 540 7.26 4.00 -12.95
C THR A 540 8.65 3.86 -13.57
N LYS B 3 18.84 -38.54 16.69
CA LYS B 3 18.86 -37.10 16.49
C LYS B 3 19.90 -36.42 17.38
N THR B 4 20.37 -35.26 16.95
CA THR B 4 21.39 -34.52 17.69
C THR B 4 20.93 -33.08 17.96
N LEU B 5 21.32 -32.54 19.10
CA LEU B 5 20.91 -31.20 19.52
C LEU B 5 21.60 -30.09 18.73
N MET B 6 22.83 -30.35 18.29
CA MET B 6 23.67 -29.34 17.68
C MET B 6 23.71 -29.47 16.15
N GLY B 7 23.17 -30.57 15.64
CA GLY B 7 23.20 -30.84 14.22
C GLY B 7 22.09 -30.18 13.42
N ASN B 8 22.27 -28.89 13.14
CA ASN B 8 21.32 -28.14 12.32
C ASN B 8 21.93 -26.79 11.94
N PRO B 9 21.50 -26.22 10.80
CA PRO B 9 22.12 -25.03 10.20
C PRO B 9 22.43 -23.88 11.17
N TRP B 10 21.74 -23.80 12.30
CA TRP B 10 21.96 -22.69 13.22
C TRP B 10 23.31 -22.76 13.92
N PHE B 11 23.92 -23.95 13.94
CA PHE B 11 25.23 -24.12 14.56
C PHE B 11 26.33 -24.09 13.51
N GLN B 12 26.05 -23.41 12.41
CA GLN B 12 27.08 -23.01 11.46
C GLN B 12 27.71 -21.73 11.97
N ARG B 13 28.79 -21.29 11.34
CA ARG B 13 29.43 -20.05 11.73
C ARG B 13 28.48 -18.88 11.47
N ALA B 14 28.18 -18.12 12.52
CA ALA B 14 27.24 -17.01 12.41
C ALA B 14 27.73 -15.93 11.46
N LYS B 15 26.88 -15.58 10.50
CA LYS B 15 27.19 -14.55 9.52
C LYS B 15 26.19 -13.40 9.64
N MET B 16 26.70 -12.17 9.65
CA MET B 16 25.84 -10.99 9.77
C MET B 16 24.84 -10.96 8.61
N PRO B 17 23.54 -10.79 8.92
CA PRO B 17 22.55 -10.81 7.83
C PRO B 17 22.65 -9.60 6.90
N ARG B 18 22.42 -9.84 5.61
CA ARG B 18 22.52 -8.79 4.60
C ARG B 18 21.59 -7.62 4.89
N ALA B 19 20.53 -7.88 5.66
CA ALA B 19 19.57 -6.83 6.00
C ALA B 19 20.23 -5.71 6.79
N LEU B 20 21.36 -6.01 7.41
CA LEU B 20 22.07 -5.05 8.26
C LEU B 20 23.33 -4.51 7.60
N ASP B 21 23.40 -4.62 6.27
CA ASP B 21 24.52 -4.09 5.51
C ASP B 21 24.28 -2.64 5.08
N PHE B 22 25.26 -1.77 5.33
CA PHE B 22 25.13 -0.34 5.03
C PHE B 22 26.40 0.25 4.40
N SER B 23 26.29 1.47 3.88
CA SER B 23 27.40 2.13 3.21
C SER B 23 28.25 2.92 4.20
C1 CIT C . 17.49 -18.10 26.32
O1 CIT C . 18.43 -17.91 25.51
O2 CIT C . 17.74 -18.75 27.36
C2 CIT C . 16.11 -17.54 26.04
C3 CIT C . 15.09 -18.66 25.80
O7 CIT C . 15.65 -19.63 24.89
C4 CIT C . 14.69 -19.33 27.11
C5 CIT C . 14.64 -20.84 26.95
O3 CIT C . 14.82 -21.36 25.83
O4 CIT C . 14.41 -21.57 27.92
C6 CIT C . 13.82 -18.07 25.19
O5 CIT C . 13.82 -16.95 24.66
O6 CIT C . 12.77 -18.74 25.21
#